data_8X47
#
_entry.id   8X47
#
_cell.length_a   81.990
_cell.length_b   100.170
_cell.length_c   77.900
_cell.angle_alpha   90.00
_cell.angle_beta   90.00
_cell.angle_gamma   90.00
#
_symmetry.space_group_name_H-M   'C 2 2 21'
#
loop_
_entity.id
_entity.type
_entity.pdbx_description
1 polymer 'Probable ribosomal RNA small subunit methyltransferase A'
2 non-polymer S-ADENOSYL-L-HOMOCYSTEINE
3 non-polymer 'ZINC ION'
4 non-polymer 'SULFITE ION'
5 non-polymer 1,2-ETHANEDIOL
6 non-polymer GLYCEROL
7 non-polymer DI(HYDROXYETHYL)ETHER
8 non-polymer 'TRIETHYLENE GLYCOL'
9 non-polymer ARGININE
10 water water
#
_entity_poly.entity_id   1
_entity_poly.type   'polypeptide(L)'
_entity_poly.pdbx_seq_one_letter_code
;MSSRIRINTKSLLVQPGYSGSKMRDRLFFLLSKYGIRPRDSIGQHFLIIEDVIEKAIETANVNENDVILEVGPGLGFLTD
ELAKRAKKVYTIEIDQKIIEILKKEYSWNNVKIIQGDAVRVEWPKFNKVVSNIPYKISSPFTFKLLKTDFERAVVMYQLE
FALRMVAKPGSRNYSRLSLMAQALGNVEIVMKIGKGAFYPRPKVDSALVLIEPRKDKIVLNENLVKALFQHRRKTVPRAL
KDSIHMLGVSKDEIRGIINNVPHSNKRVFQLYPEEVKDIEEYLKKHGIIS
;
_entity_poly.pdbx_strand_id   A
#
loop_
_chem_comp.id
_chem_comp.type
_chem_comp.name
_chem_comp.formula
EDO non-polymer 1,2-ETHANEDIOL 'C2 H6 O2'
GOL non-polymer GLYCEROL 'C3 H8 O3'
PEG non-polymer DI(HYDROXYETHYL)ETHER 'C4 H10 O3'
PGE non-polymer 'TRIETHYLENE GLYCOL' 'C6 H14 O4'
SAH non-polymer S-ADENOSYL-L-HOMOCYSTEINE 'C14 H20 N6 O5 S'
SO3 non-polymer 'SULFITE ION' 'O3 S -2'
ZN non-polymer 'ZINC ION' 'Zn 2'
#
# COMPACT_ATOMS: atom_id res chain seq x y z
N LYS A 22 -28.11 2.90 -8.16
CA LYS A 22 -28.33 1.45 -8.43
C LYS A 22 -27.26 0.55 -7.81
N MET A 23 -26.11 1.11 -7.41
CA MET A 23 -25.15 0.34 -6.63
C MET A 23 -25.54 0.44 -5.16
N ARG A 24 -26.05 1.63 -4.79
CA ARG A 24 -26.62 1.89 -3.48
C ARG A 24 -27.84 0.98 -3.26
N ASP A 25 -28.73 0.93 -4.25
CA ASP A 25 -29.90 0.07 -4.18
C ASP A 25 -29.46 -1.39 -4.05
N ARG A 26 -28.45 -1.80 -4.83
CA ARG A 26 -27.97 -3.17 -4.81
C ARG A 26 -27.42 -3.52 -3.42
N LEU A 27 -26.72 -2.56 -2.81
CA LEU A 27 -26.08 -2.76 -1.51
C LEU A 27 -27.12 -3.01 -0.43
N PHE A 28 -28.17 -2.19 -0.40
CA PHE A 28 -29.20 -2.33 0.62
C PHE A 28 -30.02 -3.58 0.34
N PHE A 29 -30.10 -3.98 -0.91
CA PHE A 29 -30.71 -5.25 -1.24
C PHE A 29 -29.92 -6.36 -0.55
N LEU A 30 -28.60 -6.33 -0.67
CA LEU A 30 -27.80 -7.43 -0.15
C LEU A 30 -27.78 -7.42 1.39
N LEU A 31 -27.78 -6.22 1.99
CA LEU A 31 -27.75 -6.10 3.44
C LEU A 31 -28.96 -6.85 4.03
N SER A 32 -30.15 -6.51 3.56
CA SER A 32 -31.33 -7.15 4.09
C SER A 32 -31.24 -8.63 3.73
N LYS A 33 -30.97 -8.93 2.45
CA LYS A 33 -31.05 -10.29 1.95
C LYS A 33 -30.23 -11.26 2.80
N TYR A 34 -28.96 -10.94 3.03
CA TYR A 34 -28.06 -11.80 3.77
C TYR A 34 -27.91 -11.36 5.22
N GLY A 35 -28.69 -10.37 5.68
CA GLY A 35 -28.73 -10.00 7.08
C GLY A 35 -27.35 -9.64 7.61
N ILE A 36 -26.66 -8.74 6.88
CA ILE A 36 -25.26 -8.40 7.07
C ILE A 36 -25.10 -7.37 8.18
N ARG A 37 -24.11 -7.60 9.06
CA ARG A 37 -23.81 -6.67 10.15
C ARG A 37 -22.36 -6.20 9.98
N PRO A 38 -22.15 -4.99 9.38
CA PRO A 38 -20.81 -4.50 9.10
C PRO A 38 -20.01 -4.39 10.38
N ARG A 39 -18.76 -4.86 10.34
CA ARG A 39 -17.85 -4.86 11.46
C ARG A 39 -16.75 -3.82 11.22
N ASP A 40 -16.76 -2.73 12.00
CA ASP A 40 -15.84 -1.61 11.80
C ASP A 40 -14.44 -1.99 12.26
N SER A 41 -14.37 -2.95 13.21
CA SER A 41 -13.15 -3.57 13.67
C SER A 41 -12.34 -4.21 12.52
N ILE A 42 -12.98 -4.63 11.42
CA ILE A 42 -12.24 -5.01 10.22
C ILE A 42 -12.53 -4.05 9.08
N GLY A 43 -12.85 -2.79 9.45
CA GLY A 43 -13.03 -1.69 8.52
C GLY A 43 -14.05 -2.01 7.44
N GLN A 44 -15.29 -2.30 7.86
CA GLN A 44 -16.26 -2.72 6.87
C GLN A 44 -17.02 -1.46 6.44
N HIS A 45 -16.43 -0.74 5.47
CA HIS A 45 -17.07 0.38 4.79
C HIS A 45 -17.19 0.07 3.29
N PHE A 46 -18.39 -0.27 2.82
CA PHE A 46 -18.57 -0.79 1.47
C PHE A 46 -18.69 0.33 0.45
N LEU A 47 -17.98 0.15 -0.68
CA LEU A 47 -17.96 1.15 -1.74
C LEU A 47 -19.29 1.10 -2.50
N ILE A 48 -19.91 2.27 -2.68
CA ILE A 48 -21.20 2.34 -3.35
C ILE A 48 -21.28 3.46 -4.40
N ILE A 49 -20.14 4.03 -4.84
CA ILE A 49 -20.12 4.97 -5.95
C ILE A 49 -19.44 4.29 -7.13
N GLU A 50 -20.20 4.06 -8.20
CA GLU A 50 -19.79 3.24 -9.34
C GLU A 50 -18.57 3.85 -10.06
N ASP A 51 -18.35 5.18 -9.97
CA ASP A 51 -17.30 5.84 -10.74
C ASP A 51 -15.91 5.51 -10.21
N VAL A 52 -15.84 5.31 -8.89
CA VAL A 52 -14.62 4.96 -8.19
C VAL A 52 -14.14 3.57 -8.65
N ILE A 53 -15.07 2.65 -8.90
CA ILE A 53 -14.69 1.37 -9.45
C ILE A 53 -14.17 1.59 -10.87
N GLU A 54 -14.89 2.41 -11.66
CA GLU A 54 -14.53 2.69 -13.04
C GLU A 54 -13.10 3.25 -13.07
N LYS A 55 -12.79 4.20 -12.18
CA LYS A 55 -11.50 4.86 -12.21
C LYS A 55 -10.39 3.85 -11.96
N ALA A 56 -10.57 3.08 -10.87
CA ALA A 56 -9.58 2.13 -10.42
C ALA A 56 -9.22 1.19 -11.56
N ILE A 57 -10.25 0.62 -12.21
CA ILE A 57 -10.06 -0.31 -13.32
C ILE A 57 -9.27 0.40 -14.42
N GLU A 58 -9.75 1.57 -14.85
CA GLU A 58 -9.10 2.40 -15.87
C GLU A 58 -7.63 2.59 -15.54
N THR A 59 -7.35 2.98 -14.30
CA THR A 59 -6.02 3.39 -13.93
C THR A 59 -5.08 2.19 -14.01
N ALA A 60 -5.61 1.01 -13.62
CA ALA A 60 -4.86 -0.24 -13.56
C ALA A 60 -4.72 -0.86 -14.95
N ASN A 61 -5.43 -0.27 -15.91
CA ASN A 61 -5.49 -0.74 -17.29
C ASN A 61 -5.69 -2.24 -17.36
N VAL A 62 -6.77 -2.73 -16.74
CA VAL A 62 -6.99 -4.16 -16.58
C VAL A 62 -7.31 -4.83 -17.91
N ASN A 63 -6.78 -6.05 -18.11
CA ASN A 63 -6.86 -6.70 -19.40
C ASN A 63 -6.94 -8.22 -19.21
N GLU A 64 -7.14 -8.93 -20.33
CA GLU A 64 -7.55 -10.33 -20.30
C GLU A 64 -6.36 -11.23 -20.00
N ASN A 65 -5.16 -10.65 -19.92
CA ASN A 65 -3.97 -11.39 -19.52
C ASN A 65 -3.63 -11.19 -18.03
N ASP A 66 -4.25 -10.23 -17.33
CA ASP A 66 -3.76 -9.85 -16.01
C ASP A 66 -4.27 -10.79 -14.90
N VAL A 67 -3.38 -11.09 -13.96
CA VAL A 67 -3.73 -11.84 -12.76
C VAL A 67 -3.75 -10.85 -11.60
N ILE A 68 -4.93 -10.63 -11.01
CA ILE A 68 -5.15 -9.51 -10.11
C ILE A 68 -5.19 -10.02 -8.67
N LEU A 69 -4.79 -9.17 -7.72
CA LEU A 69 -4.93 -9.48 -6.29
C LEU A 69 -5.72 -8.36 -5.62
N GLU A 70 -6.95 -8.70 -5.20
CA GLU A 70 -7.76 -7.82 -4.39
C GLU A 70 -7.62 -8.27 -2.95
N VAL A 71 -7.64 -7.31 -2.02
CA VAL A 71 -7.78 -7.62 -0.60
C VAL A 71 -9.16 -7.16 -0.17
N GLY A 72 -9.79 -7.96 0.69
CA GLY A 72 -11.09 -7.59 1.21
C GLY A 72 -12.22 -7.38 0.21
N PRO A 73 -12.59 -8.42 -0.57
CA PRO A 73 -13.62 -8.29 -1.60
C PRO A 73 -14.92 -7.57 -1.20
N GLY A 74 -15.31 -7.62 0.08
CA GLY A 74 -16.52 -6.97 0.55
C GLY A 74 -17.78 -7.59 -0.07
N LEU A 75 -18.71 -6.76 -0.59
CA LEU A 75 -19.92 -7.23 -1.27
C LEU A 75 -19.59 -7.58 -2.72
N GLY A 76 -18.31 -7.44 -3.11
CA GLY A 76 -17.79 -8.06 -4.31
C GLY A 76 -18.02 -7.23 -5.57
N PHE A 77 -18.33 -5.94 -5.39
CA PHE A 77 -18.66 -5.05 -6.50
C PHE A 77 -17.45 -4.92 -7.40
N LEU A 78 -16.35 -4.44 -6.82
CA LEU A 78 -15.09 -4.30 -7.53
C LEU A 78 -14.56 -5.67 -7.97
N THR A 79 -14.76 -6.71 -7.16
CA THR A 79 -14.33 -8.04 -7.54
C THR A 79 -15.05 -8.45 -8.81
N ASP A 80 -16.35 -8.14 -8.84
CA ASP A 80 -17.15 -8.57 -9.97
C ASP A 80 -16.60 -7.91 -11.23
N GLU A 81 -16.15 -6.65 -11.10
CA GLU A 81 -15.67 -5.89 -12.26
C GLU A 81 -14.30 -6.41 -12.70
N LEU A 82 -13.41 -6.71 -11.74
CA LEU A 82 -12.14 -7.34 -12.03
C LEU A 82 -12.34 -8.69 -12.74
N ALA A 83 -13.26 -9.52 -12.22
CA ALA A 83 -13.41 -10.89 -12.66
C ALA A 83 -13.87 -10.96 -14.12
N LYS A 84 -14.61 -9.94 -14.57
CA LYS A 84 -15.13 -9.99 -15.93
C LYS A 84 -14.17 -9.31 -16.90
N ARG A 85 -12.97 -8.93 -16.43
CA ARG A 85 -11.97 -8.28 -17.28
C ARG A 85 -10.64 -9.01 -17.22
N ALA A 86 -10.30 -9.59 -16.07
CA ALA A 86 -9.02 -10.24 -15.88
C ALA A 86 -9.15 -11.74 -16.23
N LYS A 87 -7.98 -12.30 -16.56
CA LYS A 87 -7.76 -13.73 -16.62
C LYS A 87 -8.15 -14.38 -15.29
N LYS A 88 -7.62 -13.86 -14.17
CA LYS A 88 -7.85 -14.49 -12.88
C LYS A 88 -7.78 -13.44 -11.77
N VAL A 89 -8.48 -13.72 -10.67
CA VAL A 89 -8.47 -12.86 -9.51
C VAL A 89 -8.36 -13.72 -8.26
N TYR A 90 -7.37 -13.39 -7.42
CA TYR A 90 -7.30 -13.93 -6.08
C TYR A 90 -7.79 -12.84 -5.14
N THR A 91 -8.65 -13.18 -4.19
CA THR A 91 -9.12 -12.18 -3.25
C THR A 91 -9.06 -12.76 -1.83
N ILE A 92 -8.59 -11.95 -0.87
CA ILE A 92 -8.33 -12.40 0.50
C ILE A 92 -9.26 -11.66 1.45
N GLU A 93 -10.16 -12.45 2.05
CA GLU A 93 -11.23 -11.93 2.89
C GLU A 93 -11.04 -12.52 4.27
N ILE A 94 -10.99 -11.66 5.29
CA ILE A 94 -10.85 -12.13 6.65
C ILE A 94 -12.20 -12.63 7.18
N ASP A 95 -13.33 -12.13 6.67
CA ASP A 95 -14.65 -12.41 7.22
C ASP A 95 -15.24 -13.63 6.51
N GLN A 96 -15.37 -14.74 7.24
CA GLN A 96 -15.83 -16.00 6.68
C GLN A 96 -17.26 -15.91 6.18
N LYS A 97 -18.11 -15.14 6.88
CA LYS A 97 -19.48 -14.92 6.46
C LYS A 97 -19.56 -14.23 5.09
N ILE A 98 -18.74 -13.18 4.86
CA ILE A 98 -18.71 -12.52 3.57
C ILE A 98 -18.37 -13.55 2.49
N ILE A 99 -17.52 -14.52 2.83
CA ILE A 99 -17.02 -15.49 1.87
C ILE A 99 -18.16 -16.45 1.52
N GLU A 100 -18.98 -16.75 2.52
CA GLU A 100 -20.18 -17.55 2.31
C GLU A 100 -21.15 -16.81 1.38
N ILE A 101 -21.21 -15.47 1.49
CA ILE A 101 -22.09 -14.67 0.64
C ILE A 101 -21.55 -14.54 -0.78
N LEU A 102 -20.28 -14.19 -0.92
CA LEU A 102 -19.72 -14.01 -2.26
C LEU A 102 -19.96 -15.25 -3.12
N LYS A 103 -19.81 -16.44 -2.52
CA LYS A 103 -20.00 -17.70 -3.24
C LYS A 103 -21.45 -17.88 -3.69
N LYS A 104 -22.43 -17.58 -2.81
CA LYS A 104 -23.84 -17.72 -3.13
C LYS A 104 -24.36 -16.61 -4.07
N GLU A 105 -23.75 -15.40 -4.03
CA GLU A 105 -24.24 -14.30 -4.84
C GLU A 105 -23.57 -14.29 -6.21
N TYR A 106 -22.28 -14.64 -6.29
CA TYR A 106 -21.56 -14.57 -7.56
C TYR A 106 -21.24 -15.97 -8.07
N SER A 107 -21.00 -16.06 -9.38
CA SER A 107 -20.64 -17.32 -10.01
C SER A 107 -19.29 -17.14 -10.69
N TRP A 108 -18.24 -17.01 -9.88
CA TRP A 108 -16.95 -16.63 -10.42
C TRP A 108 -16.19 -17.89 -10.82
N ASN A 109 -16.05 -18.08 -12.14
CA ASN A 109 -15.22 -19.15 -12.69
C ASN A 109 -13.73 -18.80 -12.51
N ASN A 110 -13.39 -17.52 -12.39
CA ASN A 110 -11.98 -17.12 -12.44
C ASN A 110 -11.55 -16.40 -11.17
N VAL A 111 -12.34 -16.48 -10.10
CA VAL A 111 -11.94 -15.97 -8.81
C VAL A 111 -11.69 -17.12 -7.82
N LYS A 112 -10.46 -17.18 -7.28
CA LYS A 112 -10.15 -17.94 -6.08
C LYS A 112 -10.21 -17.02 -4.85
N ILE A 113 -11.06 -17.44 -3.92
CA ILE A 113 -11.23 -16.69 -2.68
C ILE A 113 -10.40 -17.40 -1.61
N ILE A 114 -9.65 -16.59 -0.83
CA ILE A 114 -8.70 -17.08 0.14
C ILE A 114 -9.06 -16.53 1.53
N GLN A 115 -9.38 -17.44 2.47
CA GLN A 115 -9.81 -17.05 3.79
C GLN A 115 -8.58 -16.78 4.66
N GLY A 116 -8.52 -15.56 5.22
CA GLY A 116 -7.46 -15.21 6.14
C GLY A 116 -7.09 -13.73 6.10
N ASP A 117 -6.14 -13.40 6.96
CA ASP A 117 -5.57 -12.08 7.06
C ASP A 117 -4.64 -11.90 5.88
N ALA A 118 -4.84 -10.80 5.13
CA ALA A 118 -4.06 -10.52 3.94
C ALA A 118 -2.58 -10.40 4.30
N VAL A 119 -2.30 -9.92 5.51
CA VAL A 119 -0.94 -9.76 6.00
C VAL A 119 -0.33 -11.10 6.42
N ARG A 120 -1.14 -12.03 6.95
CA ARG A 120 -0.64 -13.30 7.46
C ARG A 120 -0.53 -14.35 6.36
N VAL A 121 -1.52 -14.48 5.46
CA VAL A 121 -1.56 -15.63 4.56
C VAL A 121 -0.47 -15.47 3.51
N GLU A 122 -0.13 -16.58 2.85
CA GLU A 122 0.79 -16.59 1.71
C GLU A 122 0.06 -15.98 0.51
N TRP A 123 0.70 -15.04 -0.19
CA TRP A 123 0.16 -14.44 -1.40
C TRP A 123 0.44 -15.35 -2.59
N PRO A 124 -0.50 -15.50 -3.54
CA PRO A 124 -0.22 -16.25 -4.76
C PRO A 124 0.41 -15.27 -5.74
N LYS A 125 0.88 -15.77 -6.89
CA LYS A 125 1.60 -14.91 -7.82
C LYS A 125 0.60 -14.03 -8.58
N PHE A 126 1.07 -12.82 -8.94
CA PHE A 126 0.21 -11.79 -9.48
C PHE A 126 1.07 -10.69 -10.11
N ASN A 127 0.50 -9.99 -11.08
CA ASN A 127 1.20 -8.90 -11.74
C ASN A 127 0.50 -7.55 -11.53
N LYS A 128 -0.72 -7.51 -10.96
CA LYS A 128 -1.32 -6.22 -10.59
C LYS A 128 -2.14 -6.36 -9.32
N VAL A 129 -2.16 -5.30 -8.51
CA VAL A 129 -3.08 -5.17 -7.38
C VAL A 129 -4.10 -4.10 -7.71
N VAL A 130 -5.39 -4.44 -7.52
CA VAL A 130 -6.49 -3.49 -7.59
C VAL A 130 -7.42 -3.76 -6.41
N SER A 131 -7.27 -3.02 -5.30
CA SER A 131 -8.00 -3.28 -4.08
C SER A 131 -8.25 -2.00 -3.28
N ASN A 132 -9.28 -2.02 -2.44
CA ASN A 132 -9.30 -1.21 -1.24
C ASN A 132 -8.34 -1.87 -0.26
N ILE A 133 -7.73 -1.07 0.63
CA ILE A 133 -6.85 -1.59 1.66
C ILE A 133 -7.38 -1.15 3.02
N PRO A 134 -7.92 -2.08 3.84
CA PRO A 134 -8.47 -1.75 5.16
C PRO A 134 -7.52 -0.90 5.98
N TYR A 135 -8.06 -0.05 6.87
CA TYR A 135 -7.25 0.94 7.61
C TYR A 135 -6.15 0.24 8.41
N LYS A 136 -6.51 -0.83 9.14
CA LYS A 136 -5.62 -1.41 10.13
C LYS A 136 -4.51 -2.26 9.51
N ILE A 137 -4.49 -2.44 8.18
CA ILE A 137 -3.39 -3.15 7.55
C ILE A 137 -2.77 -2.29 6.44
N SER A 138 -3.01 -0.97 6.46
CA SER A 138 -2.48 -0.09 5.45
C SER A 138 -0.97 -0.20 5.40
N SER A 139 -0.35 -0.24 6.58
CA SER A 139 1.10 -0.15 6.66
C SER A 139 1.76 -1.50 6.38
N PRO A 140 1.37 -2.61 7.08
CA PRO A 140 1.91 -3.94 6.77
C PRO A 140 1.65 -4.39 5.34
N PHE A 141 0.43 -4.20 4.86
CA PHE A 141 0.14 -4.56 3.48
C PHE A 141 1.11 -3.89 2.51
N THR A 142 1.26 -2.58 2.67
CA THR A 142 2.03 -1.76 1.74
C THR A 142 3.48 -2.22 1.74
N PHE A 143 4.08 -2.37 2.92
CA PHE A 143 5.46 -2.84 3.04
C PHE A 143 5.60 -4.25 2.47
N LYS A 144 4.55 -5.08 2.58
CA LYS A 144 4.59 -6.43 2.04
C LYS A 144 4.52 -6.38 0.51
N LEU A 145 3.71 -5.47 0.00
CA LEU A 145 3.53 -5.31 -1.44
C LEU A 145 4.83 -4.80 -2.07
N LEU A 146 5.50 -3.86 -1.38
CA LEU A 146 6.72 -3.28 -1.92
C LEU A 146 7.88 -4.28 -1.97
N LYS A 147 7.76 -5.40 -1.23
CA LYS A 147 8.80 -6.43 -1.20
C LYS A 147 8.54 -7.43 -2.33
N THR A 148 7.63 -7.10 -3.27
CA THR A 148 7.09 -8.07 -4.21
C THR A 148 7.40 -7.65 -5.66
N ASP A 149 7.44 -8.63 -6.57
CA ASP A 149 7.48 -8.38 -8.00
C ASP A 149 6.04 -8.14 -8.48
N PHE A 150 5.78 -6.97 -9.09
CA PHE A 150 4.43 -6.61 -9.54
C PHE A 150 4.50 -5.43 -10.51
N GLU A 151 3.65 -5.43 -11.55
CA GLU A 151 3.72 -4.47 -12.63
C GLU A 151 2.91 -3.20 -12.33
N ARG A 152 1.91 -3.28 -11.46
CA ARG A 152 1.02 -2.14 -11.26
C ARG A 152 0.11 -2.37 -10.07
N ALA A 153 0.02 -1.35 -9.22
CA ALA A 153 -0.87 -1.39 -8.08
C ALA A 153 -1.78 -0.17 -8.11
N VAL A 154 -3.04 -0.41 -7.81
CA VAL A 154 -4.04 0.63 -7.66
C VAL A 154 -4.83 0.27 -6.41
N VAL A 155 -4.65 1.05 -5.35
CA VAL A 155 -5.02 0.63 -4.02
C VAL A 155 -5.57 1.85 -3.30
N MET A 156 -6.75 1.69 -2.71
CA MET A 156 -7.45 2.80 -2.11
C MET A 156 -7.14 2.81 -0.62
N TYR A 157 -6.78 3.98 -0.11
CA TYR A 157 -6.33 4.11 1.26
C TYR A 157 -7.10 5.24 1.93
N GLN A 158 -7.12 5.18 3.26
CA GLN A 158 -7.44 6.28 4.13
C GLN A 158 -6.52 7.44 3.75
N LEU A 159 -7.08 8.66 3.68
CA LEU A 159 -6.45 9.79 3.01
C LEU A 159 -5.14 10.20 3.67
N GLU A 160 -5.07 10.18 5.01
CA GLU A 160 -3.81 10.51 5.67
C GLU A 160 -2.72 9.60 5.10
N PHE A 161 -2.99 8.29 5.01
CA PHE A 161 -1.97 7.31 4.68
C PHE A 161 -1.48 7.47 3.25
N ALA A 162 -2.42 7.75 2.33
CA ALA A 162 -2.05 7.98 0.94
C ALA A 162 -1.25 9.28 0.83
N LEU A 163 -1.57 10.31 1.64
CA LEU A 163 -0.83 11.56 1.64
C LEU A 163 0.61 11.30 2.13
N ARG A 164 0.74 10.39 3.11
CA ARG A 164 2.04 9.99 3.61
C ARG A 164 2.83 9.28 2.52
N MET A 165 2.17 8.38 1.80
CA MET A 165 2.84 7.65 0.74
C MET A 165 3.33 8.54 -0.40
N VAL A 166 2.69 9.68 -0.64
CA VAL A 166 3.09 10.54 -1.74
C VAL A 166 3.78 11.83 -1.22
N ALA A 167 4.14 11.85 0.06
CA ALA A 167 4.91 12.92 0.65
C ALA A 167 6.22 13.03 -0.10
N LYS A 168 6.70 14.26 -0.28
CA LYS A 168 7.96 14.50 -0.95
C LYS A 168 9.05 14.77 0.09
N PRO A 169 10.32 14.41 -0.25
CA PRO A 169 11.46 14.73 0.62
C PRO A 169 11.46 16.20 0.95
N GLY A 170 11.35 16.48 2.26
CA GLY A 170 11.48 17.82 2.80
C GLY A 170 10.17 18.31 3.40
N SER A 171 9.11 17.50 3.31
CA SER A 171 7.87 17.76 4.02
C SER A 171 7.89 16.98 5.34
N ARG A 172 7.11 17.43 6.32
CA ARG A 172 7.09 16.81 7.63
C ARG A 172 6.64 15.36 7.54
N ASN A 173 5.60 15.11 6.73
CA ASN A 173 4.99 13.79 6.66
C ASN A 173 5.82 12.82 5.79
N TYR A 174 6.99 13.29 5.32
CA TYR A 174 7.93 12.37 4.71
C TYR A 174 8.50 11.44 5.78
N SER A 175 8.37 10.12 5.53
CA SER A 175 8.81 9.09 6.46
C SER A 175 9.33 7.83 5.73
N ARG A 176 9.61 6.78 6.49
CA ARG A 176 10.14 5.53 5.98
C ARG A 176 9.24 4.98 4.88
N LEU A 177 7.91 5.03 5.08
CA LEU A 177 6.96 4.55 4.10
C LEU A 177 7.10 5.33 2.77
N SER A 178 6.96 6.65 2.88
CA SER A 178 7.18 7.54 1.75
C SER A 178 8.45 7.11 0.99
N LEU A 179 9.59 7.06 1.70
CA LEU A 179 10.85 6.72 1.06
C LEU A 179 10.81 5.35 0.40
N MET A 180 10.38 4.33 1.15
CA MET A 180 10.45 2.95 0.71
C MET A 180 9.51 2.71 -0.47
N ALA A 181 8.36 3.38 -0.47
CA ALA A 181 7.46 3.33 -1.61
C ALA A 181 8.12 3.91 -2.85
N GLN A 182 8.65 5.13 -2.70
CA GLN A 182 9.03 5.98 -3.82
C GLN A 182 10.36 5.49 -4.40
N ALA A 183 11.08 4.66 -3.61
CA ALA A 183 12.29 4.03 -4.08
C ALA A 183 11.94 2.95 -5.11
N LEU A 184 10.76 2.32 -4.95
CA LEU A 184 10.35 1.22 -5.81
C LEU A 184 9.53 1.73 -6.99
N GLY A 185 8.58 2.66 -6.79
CA GLY A 185 7.71 3.09 -7.87
C GLY A 185 7.47 4.60 -7.89
N ASN A 186 6.93 5.10 -9.02
CA ASN A 186 6.25 6.38 -9.12
C ASN A 186 4.94 6.24 -8.35
N VAL A 187 4.77 7.04 -7.28
CA VAL A 187 3.62 6.94 -6.41
C VAL A 187 2.80 8.23 -6.50
N GLU A 188 1.55 8.17 -7.02
CA GLU A 188 0.71 9.37 -7.12
C GLU A 188 -0.73 9.05 -6.75
N ILE A 189 -1.42 10.04 -6.15
CA ILE A 189 -2.85 9.99 -5.84
C ILE A 189 -3.60 10.40 -7.10
N VAL A 190 -4.71 9.69 -7.40
CA VAL A 190 -5.34 9.75 -8.71
C VAL A 190 -6.74 10.33 -8.59
N MET A 191 -7.55 9.90 -7.61
CA MET A 191 -8.65 10.69 -7.10
C MET A 191 -8.74 10.60 -5.56
N LYS A 192 -9.45 11.59 -5.01
CA LYS A 192 -9.83 11.65 -3.61
C LYS A 192 -11.28 11.18 -3.53
N ILE A 193 -11.61 10.34 -2.54
CA ILE A 193 -12.93 9.74 -2.48
C ILE A 193 -13.54 10.12 -1.14
N GLY A 194 -14.64 10.90 -1.17
CA GLY A 194 -15.30 11.37 0.04
C GLY A 194 -15.92 10.22 0.81
N LYS A 195 -16.35 10.48 2.06
CA LYS A 195 -16.78 9.41 2.93
C LYS A 195 -18.23 9.06 2.61
N GLY A 196 -18.88 9.94 1.84
CA GLY A 196 -20.20 9.65 1.29
C GLY A 196 -20.18 8.47 0.32
N ALA A 197 -18.97 8.08 -0.13
CA ALA A 197 -18.83 7.04 -1.15
C ALA A 197 -18.99 5.62 -0.58
N PHE A 198 -19.10 5.48 0.75
CA PHE A 198 -19.13 4.17 1.39
C PHE A 198 -20.32 4.05 2.34
N TYR A 199 -20.68 2.80 2.65
CA TYR A 199 -21.66 2.47 3.67
C TYR A 199 -21.17 1.28 4.49
N PRO A 200 -21.18 1.33 5.83
CA PRO A 200 -21.53 2.54 6.59
C PRO A 200 -20.63 3.72 6.25
N ARG A 201 -21.11 4.93 6.54
CA ARG A 201 -20.29 6.12 6.34
C ARG A 201 -19.11 6.02 7.30
N PRO A 202 -17.85 6.15 6.83
CA PRO A 202 -16.70 6.25 7.74
C PRO A 202 -16.35 7.66 8.28
N LYS A 203 -15.30 7.69 9.12
CA LYS A 203 -14.86 8.91 9.79
C LYS A 203 -13.97 9.74 8.87
N VAL A 204 -13.44 9.11 7.82
CA VAL A 204 -12.33 9.67 7.06
C VAL A 204 -12.57 9.51 5.56
N ASP A 205 -11.97 10.41 4.76
CA ASP A 205 -11.89 10.31 3.32
C ASP A 205 -10.88 9.20 2.95
N SER A 206 -10.92 8.81 1.66
CA SER A 206 -10.02 7.82 1.08
C SER A 206 -9.39 8.42 -0.17
N ALA A 207 -8.31 7.79 -0.61
CA ALA A 207 -7.66 8.17 -1.86
C ALA A 207 -7.31 6.91 -2.62
N LEU A 208 -7.44 7.00 -3.94
CA LEU A 208 -6.95 5.98 -4.85
C LEU A 208 -5.52 6.32 -5.26
N VAL A 209 -4.57 5.39 -5.01
CA VAL A 209 -3.16 5.59 -5.27
C VAL A 209 -2.66 4.65 -6.37
N LEU A 210 -1.95 5.19 -7.35
CA LEU A 210 -1.27 4.40 -8.38
C LEU A 210 0.17 4.20 -7.95
N ILE A 211 0.68 2.97 -8.13
CA ILE A 211 2.08 2.64 -7.97
C ILE A 211 2.62 1.96 -9.23
N GLU A 212 3.61 2.61 -9.86
CA GLU A 212 4.26 2.07 -11.04
C GLU A 212 5.69 1.70 -10.64
N PRO A 213 6.05 0.40 -10.67
CA PRO A 213 7.46 0.01 -10.59
C PRO A 213 8.34 0.86 -11.49
N ARG A 214 9.41 1.40 -10.92
CA ARG A 214 10.48 2.01 -11.68
C ARG A 214 11.26 0.95 -12.45
N LYS A 215 11.74 1.32 -13.64
CA LYS A 215 12.82 0.58 -14.26
C LYS A 215 14.03 0.66 -13.31
N ASP A 216 14.43 1.91 -12.99
CA ASP A 216 15.53 2.22 -12.09
C ASP A 216 15.06 2.04 -10.64
N LYS A 217 15.00 0.78 -10.19
CA LYS A 217 14.57 0.41 -8.85
C LYS A 217 15.68 0.80 -7.87
N ILE A 218 15.35 1.42 -6.74
CA ILE A 218 16.36 1.77 -5.75
C ILE A 218 16.11 0.93 -4.50
N VAL A 219 17.13 0.12 -4.14
CA VAL A 219 17.04 -0.91 -3.12
C VAL A 219 17.91 -0.47 -1.96
N LEU A 220 17.36 -0.47 -0.75
CA LEU A 220 18.05 0.10 0.40
C LEU A 220 18.00 -0.88 1.57
N ASN A 221 19.10 -0.90 2.34
CA ASN A 221 19.19 -1.64 3.58
C ASN A 221 18.12 -1.14 4.54
N GLU A 222 17.20 -2.05 4.94
CA GLU A 222 16.05 -1.73 5.78
C GLU A 222 16.50 -1.20 7.15
N ASN A 223 17.51 -1.85 7.75
CA ASN A 223 17.96 -1.48 9.08
C ASN A 223 18.52 -0.05 9.09
N LEU A 224 19.23 0.34 8.02
CA LEU A 224 19.80 1.67 7.86
C LEU A 224 18.66 2.70 7.79
N VAL A 225 17.64 2.38 7.00
CA VAL A 225 16.49 3.26 6.86
C VAL A 225 15.82 3.42 8.23
N LYS A 226 15.51 2.31 8.90
CA LYS A 226 14.89 2.38 10.21
C LYS A 226 15.72 3.25 11.13
N ALA A 227 17.06 3.12 11.01
CA ALA A 227 18.00 3.83 11.86
C ALA A 227 17.87 5.33 11.63
N LEU A 228 18.01 5.73 10.36
CA LEU A 228 17.98 7.12 9.93
C LEU A 228 16.69 7.78 10.37
N PHE A 229 15.57 7.11 10.06
CA PHE A 229 14.24 7.68 10.23
C PHE A 229 13.74 7.54 11.66
N GLN A 230 14.61 7.12 12.59
CA GLN A 230 14.21 7.00 13.98
C GLN A 230 13.87 8.39 14.50
N HIS A 231 14.83 9.32 14.39
CA HIS A 231 14.57 10.73 14.57
C HIS A 231 14.97 11.41 13.28
N ARG A 232 13.97 11.62 12.41
CA ARG A 232 14.21 11.93 11.01
C ARG A 232 14.45 13.42 10.81
N ARG A 233 14.10 14.20 11.83
CA ARG A 233 14.25 15.66 11.78
C ARG A 233 15.71 16.05 12.03
N LYS A 234 16.60 15.06 12.23
CA LYS A 234 18.01 15.30 12.51
C LYS A 234 18.85 15.35 11.25
N THR A 235 20.09 15.82 11.41
CA THR A 235 21.07 15.81 10.33
C THR A 235 21.50 14.36 10.10
N VAL A 236 21.92 14.06 8.88
CA VAL A 236 22.33 12.73 8.49
C VAL A 236 23.42 12.26 9.44
N PRO A 237 24.48 13.09 9.70
CA PRO A 237 25.58 12.73 10.60
C PRO A 237 25.19 12.45 12.05
N ARG A 238 24.39 13.34 12.63
CA ARG A 238 23.89 13.16 13.98
C ARG A 238 22.96 11.94 14.01
N ALA A 239 22.15 11.74 12.98
CA ALA A 239 21.25 10.60 12.93
C ALA A 239 22.05 9.29 12.91
N LEU A 240 23.19 9.31 12.20
CA LEU A 240 24.08 8.16 12.16
C LEU A 240 24.81 7.97 13.49
N LYS A 241 25.46 9.04 13.96
CA LYS A 241 26.16 9.05 15.23
C LYS A 241 25.28 8.37 16.27
N ASP A 242 23.99 8.73 16.29
CA ASP A 242 23.09 8.40 17.37
C ASP A 242 22.37 7.07 17.13
N SER A 243 22.70 6.35 16.03
CA SER A 243 21.96 5.14 15.64
C SER A 243 22.92 3.95 15.47
N ILE A 244 23.75 3.76 16.48
CA ILE A 244 24.67 2.63 16.52
C ILE A 244 23.89 1.38 16.93
N HIS A 245 23.37 0.66 15.92
CA HIS A 245 22.71 -0.62 16.15
C HIS A 245 23.76 -1.72 16.34
N SER A 250 28.26 0.28 13.98
CA SER A 250 28.29 -0.02 15.44
C SER A 250 29.58 0.52 16.05
N LYS A 251 29.74 0.37 17.37
CA LYS A 251 31.03 0.41 18.04
C LYS A 251 31.49 1.82 18.41
N ASP A 252 30.78 2.87 17.94
CA ASP A 252 30.88 4.22 18.49
C ASP A 252 32.26 4.84 18.21
N GLU A 253 33.19 4.04 17.70
CA GLU A 253 34.60 4.41 17.60
C GLU A 253 34.87 4.76 16.14
N ILE A 254 33.82 5.19 15.44
CA ILE A 254 33.84 5.36 13.99
C ILE A 254 33.48 6.81 13.68
N ARG A 255 33.95 7.73 14.53
CA ARG A 255 33.69 9.14 14.33
C ARG A 255 34.42 9.62 13.08
N GLY A 256 35.49 8.89 12.68
CA GLY A 256 36.33 9.31 11.57
C GLY A 256 35.57 9.39 10.24
N ILE A 257 34.61 8.47 10.06
CA ILE A 257 33.91 8.21 8.82
C ILE A 257 32.71 9.16 8.69
N ILE A 258 32.16 9.56 9.84
CA ILE A 258 30.95 10.38 9.95
C ILE A 258 31.09 11.69 9.17
N ASN A 259 32.28 12.31 9.22
CA ASN A 259 32.44 13.68 8.75
C ASN A 259 32.46 13.71 7.22
N ASN A 260 32.92 12.62 6.60
CA ASN A 260 32.93 12.48 5.15
C ASN A 260 31.63 11.86 4.64
N VAL A 261 30.60 11.66 5.49
CA VAL A 261 29.37 11.03 5.03
C VAL A 261 28.71 11.91 3.97
N PRO A 262 28.22 11.34 2.83
CA PRO A 262 27.50 12.10 1.82
C PRO A 262 26.28 12.76 2.44
N HIS A 263 25.94 13.96 1.93
CA HIS A 263 24.65 14.57 2.19
C HIS A 263 24.52 15.03 3.65
N SER A 264 25.65 15.38 4.24
CA SER A 264 25.68 15.77 5.64
C SER A 264 24.93 17.07 5.90
N ASN A 265 24.73 17.91 4.88
CA ASN A 265 23.98 19.16 5.05
C ASN A 265 22.48 18.92 5.21
N LYS A 266 21.97 17.77 4.73
CA LYS A 266 20.55 17.50 4.76
C LYS A 266 20.19 16.90 6.12
N ARG A 267 18.89 16.94 6.39
CA ARG A 267 18.30 16.14 7.43
C ARG A 267 17.63 14.94 6.75
N VAL A 268 17.30 13.95 7.56
CA VAL A 268 16.93 12.65 7.02
C VAL A 268 15.66 12.80 6.21
N PHE A 269 14.74 13.66 6.69
CA PHE A 269 13.43 13.86 6.08
C PHE A 269 13.55 14.65 4.77
N GLN A 270 14.79 15.02 4.39
CA GLN A 270 15.07 15.78 3.18
C GLN A 270 15.67 14.90 2.09
N LEU A 271 15.90 13.61 2.41
CA LEU A 271 16.64 12.69 1.53
C LEU A 271 15.73 11.97 0.53
N TYR A 272 16.17 11.90 -0.71
CA TYR A 272 15.57 10.99 -1.67
C TYR A 272 16.17 9.59 -1.53
N PRO A 273 15.48 8.53 -2.04
CA PRO A 273 16.01 7.17 -2.08
C PRO A 273 17.45 7.12 -2.58
N GLU A 274 17.76 7.96 -3.59
CA GLU A 274 19.07 8.08 -4.23
C GLU A 274 20.15 8.51 -3.23
N GLU A 275 19.91 9.62 -2.51
CA GLU A 275 20.85 10.12 -1.52
C GLU A 275 20.97 9.10 -0.37
N VAL A 276 19.90 8.38 -0.07
CA VAL A 276 19.97 7.36 0.98
C VAL A 276 20.88 6.23 0.51
N LYS A 277 20.85 5.90 -0.79
CA LYS A 277 21.72 4.89 -1.37
C LYS A 277 23.19 5.35 -1.38
N ASP A 278 23.45 6.65 -1.64
CA ASP A 278 24.80 7.20 -1.53
C ASP A 278 25.33 6.97 -0.12
N ILE A 279 24.48 7.13 0.89
CA ILE A 279 24.87 6.93 2.28
C ILE A 279 25.12 5.45 2.57
N GLU A 280 24.26 4.57 2.02
CA GLU A 280 24.42 3.14 2.19
C GLU A 280 25.78 2.70 1.64
N GLU A 281 26.05 3.08 0.39
CA GLU A 281 27.23 2.68 -0.38
C GLU A 281 28.50 3.27 0.21
N TYR A 282 28.37 4.38 0.94
CA TYR A 282 29.48 4.95 1.66
C TYR A 282 29.85 4.06 2.85
N LEU A 283 28.83 3.60 3.58
CA LEU A 283 29.04 2.78 4.76
C LEU A 283 29.49 1.36 4.39
N LYS A 284 29.04 0.83 3.25
CA LYS A 284 29.55 -0.46 2.80
C LYS A 284 31.04 -0.33 2.52
N LYS A 285 31.45 0.72 1.81
CA LYS A 285 32.83 0.94 1.42
C LYS A 285 33.75 1.00 2.63
N HIS A 286 33.25 1.51 3.77
CA HIS A 286 33.98 1.58 5.02
C HIS A 286 33.64 0.39 5.92
N GLY A 287 33.08 -0.68 5.35
CA GLY A 287 32.73 -1.88 6.11
C GLY A 287 32.04 -1.57 7.43
N ILE A 288 30.97 -0.78 7.38
CA ILE A 288 30.05 -0.53 8.49
C ILE A 288 28.79 -1.34 8.24
N ILE A 289 28.62 -1.82 6.99
CA ILE A 289 27.50 -2.68 6.67
C ILE A 289 28.03 -3.94 5.94
N SAH B . -16.40 -2.97 -0.56
CA SAH B . -14.98 -2.57 -0.44
CB SAH B . -14.24 -3.29 0.70
CG SAH B . -15.13 -3.56 1.92
SD SAH B . -14.44 -3.00 3.49
C SAH B . -14.29 -2.91 -1.76
O SAH B . -14.42 -2.06 -2.68
OXT SAH B . -13.66 -4.01 -1.82
C5' SAH B . -12.93 -3.98 3.66
C4' SAH B . -13.12 -5.46 3.38
O4' SAH B . -11.91 -6.16 3.69
C3' SAH B . -14.22 -6.16 4.18
O3' SAH B . -14.81 -7.18 3.37
C2' SAH B . -13.46 -6.81 5.34
O2' SAH B . -14.06 -7.96 5.88
C1' SAH B . -12.15 -7.15 4.66
N9 SAH B . -10.99 -7.19 5.55
C8 SAH B . -10.74 -6.42 6.65
N7 SAH B . -9.58 -6.66 7.22
C5 SAH B . -9.02 -7.62 6.39
C6 SAH B . -7.78 -8.27 6.43
N6 SAH B . -6.87 -8.03 7.37
N1 SAH B . -7.54 -9.20 5.47
C2 SAH B . -8.46 -9.39 4.52
N3 SAH B . -9.65 -8.82 4.36
C4 SAH B . -9.88 -7.96 5.35
ZN ZN C . -13.93 6.65 -16.52
ZN ZN D . 23.66 16.11 -1.03
S SO3 E . -19.28 -10.18 8.41
O1 SO3 E . -20.41 -10.51 7.35
O2 SO3 E . -19.80 -9.05 9.29
O3 SO3 E . -19.26 -11.36 9.36
C1 EDO F . 7.36 5.74 9.77
O1 EDO F . 7.08 5.22 8.41
C2 EDO F . 8.80 6.10 10.14
O2 EDO F . 9.42 7.26 9.52
C1 GOL G . -20.58 0.59 -17.06
O1 GOL G . -20.57 1.70 -16.16
C2 GOL G . -20.38 -0.74 -16.35
O2 GOL G . -19.99 -0.51 -14.99
C3 GOL G . -19.37 -1.64 -17.03
O3 GOL G . -19.44 -2.98 -16.56
C1 PEG H . 9.67 -4.73 7.90
O1 PEG H . 9.34 -4.01 6.69
C2 PEG H . 11.03 -5.44 7.85
O2 PEG H . 10.89 -6.74 7.27
C3 PEG H . 12.12 -7.35 6.91
C4 PEG H . 11.84 -8.66 6.19
O4 PEG H . 12.18 -9.78 6.98
C1 PGE I . 26.56 4.38 -8.26
O1 PGE I . 27.32 3.27 -7.76
C2 PGE I . 25.28 4.63 -7.48
O2 PGE I . 24.78 3.43 -6.91
C3 PGE I . 24.38 2.45 -7.87
C4 PGE I . 23.37 1.51 -7.28
O4 PGE I . 25.35 -1.38 -6.29
C6 PGE I . 24.00 -1.28 -5.83
C5 PGE I . 23.04 -0.83 -6.91
O3 PGE I . 23.64 0.17 -7.73
N ARG J . -0.11 6.84 -15.44
CA ARG J . 1.30 7.15 -15.79
C ARG J . 2.06 5.89 -16.24
O ARG J . 1.39 4.87 -16.55
CB ARG J . 2.02 7.83 -14.62
CG ARG J . 3.05 8.85 -15.04
CD ARG J . 3.32 9.90 -13.98
NE ARG J . 2.40 11.04 -13.94
CZ ARG J . 1.09 11.00 -13.73
NH1 ARG J . 0.46 12.11 -13.38
NH2 ARG J . 0.39 9.89 -13.92
OXT ARG J . 3.31 5.96 -16.29
#